data_6C3H
#
_entry.id   6C3H
#
_cell.length_a   44.539
_cell.length_b   51.392
_cell.length_c   78.538
_cell.angle_alpha   90.000
_cell.angle_beta   92.650
_cell.angle_gamma   90.000
#
_symmetry.space_group_name_H-M   'P 1 21 1'
#
loop_
_entity.id
_entity.type
_entity.pdbx_description
1 polymer 'Cytochrome P450'
2 non-polymer 'PROTOPORPHYRIN IX CONTAINING FE'
3 non-polymer '4-heptylbenzoic acid'
4 non-polymer 'CHLORIDE ION'
5 water water
#
_entity_poly.entity_id   1
_entity_poly.type   'polypeptide(L)'
_entity_poly.pdbx_seq_one_letter_code
;TIPHLAIDPFSLDFFDDPYPDQQTLRDAGPVVYLDKWNVYGVARYAEVHAVLNDPTTFCSSRGVGLSDFKKEKPWRPPSL
ILEADPPAHTRPRAVLSKVLSPATMKTIRDGFAAAADAKVDELLQRGCIDAIADLAEAYPLSVFPDAMGLKQEGREHLLP
YAGLVFNAFGPPNELRQTAIERSAPHQAYVNEQCQRPNLAPGGFGACIHAFTDTGEITPDEAPLLVRSLLSAGLDTTVNG
IGAAVYCLARFPGELQRLRSDPTLARNAFEEAVRFESPVQTFFRTTTREVELGGAVIGEGEKVLMFLGSANRDPRRWSDP
DLYDITRKTSGHVGFGSGVHMCVGQLVARLEGEVMLSALARKVAAIDIDGPVKRRFNNTLRGLESLPVKLTPA
;
_entity_poly.pdbx_strand_id   A
#
# COMPACT_ATOMS: atom_id res chain seq x y z
N THR A 1 -28.27 -8.78 16.80
CA THR A 1 -27.37 -9.90 16.58
C THR A 1 -25.94 -9.45 16.33
N ILE A 2 -25.77 -8.52 15.40
CA ILE A 2 -24.45 -7.97 15.10
C ILE A 2 -23.98 -7.12 16.28
N PRO A 3 -22.77 -7.37 16.76
CA PRO A 3 -22.22 -6.51 17.82
C PRO A 3 -21.94 -5.09 17.35
N HIS A 4 -22.30 -4.11 18.16
CA HIS A 4 -21.99 -2.73 17.91
C HIS A 4 -20.80 -2.30 18.76
N LEU A 5 -19.76 -1.77 18.12
CA LEU A 5 -18.58 -1.30 18.85
C LEU A 5 -18.36 0.18 18.60
N ALA A 6 -17.77 0.84 19.59
CA ALA A 6 -17.48 2.28 19.56
C ALA A 6 -16.03 2.57 19.15
N ILE A 7 -15.27 1.52 18.86
CA ILE A 7 -13.90 1.68 18.39
C ILE A 7 -13.86 2.54 17.12
N ASP A 8 -13.01 3.57 17.13
CA ASP A 8 -12.71 4.36 15.94
C ASP A 8 -11.40 3.90 15.30
N PRO A 9 -11.50 3.15 14.19
CA PRO A 9 -10.28 2.67 13.54
C PRO A 9 -9.50 3.77 12.81
N PHE A 10 -9.99 5.02 12.85
CA PHE A 10 -9.29 6.11 12.21
C PHE A 10 -8.88 7.16 13.25
N SER A 11 -8.84 6.77 14.53
CA SER A 11 -8.35 7.66 15.61
C SER A 11 -6.85 7.49 15.83
N LEU A 12 -6.19 8.53 16.34
CA LEU A 12 -4.76 8.48 16.53
C LEU A 12 -4.39 7.38 17.51
N ASP A 13 -5.20 7.14 18.53
CA ASP A 13 -4.89 6.07 19.48
C ASP A 13 -4.89 4.71 18.83
N PHE A 14 -5.85 4.48 17.94
CA PHE A 14 -5.88 3.25 17.18
C PHE A 14 -4.63 3.15 16.32
N PHE A 15 -4.27 4.20 15.59
CA PHE A 15 -3.06 4.15 14.75
C PHE A 15 -1.84 3.83 15.60
N ASP A 16 -1.82 4.36 16.82
CA ASP A 16 -0.63 4.25 17.64
C ASP A 16 -0.42 2.81 18.05
N ASP A 17 -1.50 2.10 18.30
CA ASP A 17 -1.39 0.66 18.56
C ASP A 17 -2.68 -0.02 18.22
N PRO A 18 -2.76 -0.56 17.00
CA PRO A 18 -4.03 -1.12 16.56
C PRO A 18 -4.29 -2.53 17.03
N TYR A 19 -3.29 -3.22 17.58
CA TYR A 19 -3.44 -4.67 17.62
C TYR A 19 -4.45 -5.15 18.68
N PRO A 20 -4.45 -4.53 19.86
CA PRO A 20 -5.48 -4.97 20.79
C PRO A 20 -6.90 -4.71 20.30
N ASP A 21 -7.15 -3.52 19.74
CA ASP A 21 -8.49 -3.25 19.23
C ASP A 21 -8.86 -4.16 18.09
N GLN A 22 -7.88 -4.57 17.28
CA GLN A 22 -8.13 -5.51 16.19
C GLN A 22 -8.53 -6.87 16.72
N GLN A 23 -7.91 -7.32 17.82
CA GLN A 23 -8.34 -8.58 18.41
C GLN A 23 -9.78 -8.43 18.92
N THR A 24 -10.08 -7.28 19.51
CA THR A 24 -11.43 -7.01 20.01
C THR A 24 -12.46 -7.09 18.86
N LEU A 25 -12.12 -6.47 17.73
CA LEU A 25 -12.95 -6.52 16.55
C LEU A 25 -13.10 -7.95 15.99
N ARG A 26 -12.02 -8.72 15.92
CA ARG A 26 -12.12 -10.10 15.48
C ARG A 26 -12.96 -10.98 16.40
N ASP A 27 -12.72 -10.85 17.70
CA ASP A 27 -13.32 -11.74 18.67
C ASP A 27 -14.78 -11.38 18.98
N ALA A 28 -15.23 -10.19 18.58
CA ALA A 28 -16.62 -9.78 18.81
C ALA A 28 -17.57 -10.57 17.91
N GLY A 29 -17.07 -10.96 16.74
CA GLY A 29 -17.86 -11.73 15.79
C GLY A 29 -17.33 -11.58 14.38
N PRO A 30 -17.83 -12.40 13.46
CA PRO A 30 -17.42 -12.31 12.06
C PRO A 30 -17.73 -10.95 11.42
N VAL A 31 -18.84 -10.33 11.82
CA VAL A 31 -19.23 -9.02 11.30
C VAL A 31 -19.60 -8.12 12.47
N VAL A 32 -19.08 -6.90 12.48
CA VAL A 32 -19.42 -5.94 13.52
C VAL A 32 -20.05 -4.69 12.88
N TYR A 33 -20.70 -3.88 13.71
CA TYR A 33 -21.11 -2.57 13.28
C TYR A 33 -20.33 -1.54 14.10
N LEU A 34 -19.68 -0.63 13.38
CA LEU A 34 -18.96 0.49 13.98
C LEU A 34 -19.81 1.77 14.05
N ASP A 35 -20.38 2.03 15.23
CA ASP A 35 -21.28 3.14 15.49
C ASP A 35 -20.65 4.50 15.24
N LYS A 36 -19.34 4.59 15.35
CA LYS A 36 -18.64 5.85 15.15
C LYS A 36 -18.85 6.43 13.74
N TRP A 37 -18.91 5.55 12.74
CA TRP A 37 -18.97 5.93 11.33
C TRP A 37 -20.13 5.31 10.58
N ASN A 38 -20.94 4.51 11.28
CA ASN A 38 -22.09 3.86 10.66
C ASN A 38 -21.68 3.01 9.48
N VAL A 39 -20.75 2.10 9.71
CA VAL A 39 -20.32 1.14 8.70
C VAL A 39 -20.22 -0.24 9.32
N TYR A 40 -20.35 -1.27 8.50
CA TYR A 40 -20.05 -2.62 8.93
C TYR A 40 -18.54 -2.82 8.92
N GLY A 41 -18.07 -3.73 9.77
CA GLY A 41 -16.64 -4.06 9.85
C GLY A 41 -16.41 -5.56 9.80
N VAL A 42 -15.35 -5.98 9.09
CA VAL A 42 -14.91 -7.37 9.13
C VAL A 42 -13.41 -7.40 9.36
N ALA A 43 -12.98 -8.10 10.41
CA ALA A 43 -11.56 -8.06 10.80
C ALA A 43 -10.87 -9.44 10.77
N ARG A 44 -11.62 -10.52 10.53
CA ARG A 44 -11.05 -11.86 10.39
C ARG A 44 -10.65 -12.16 8.95
N TYR A 45 -9.61 -12.97 8.79
CA TYR A 45 -9.16 -13.36 7.47
C TYR A 45 -10.30 -13.90 6.59
N ALA A 46 -11.09 -14.84 7.10
CA ALA A 46 -12.09 -15.49 6.26
C ALA A 46 -13.05 -14.49 5.60
N GLU A 47 -13.62 -13.58 6.39
CA GLU A 47 -14.61 -12.62 5.85
C GLU A 47 -13.95 -11.55 4.97
N VAL A 48 -12.74 -11.12 5.33
CA VAL A 48 -12.03 -10.14 4.50
C VAL A 48 -11.80 -10.76 3.13
N HIS A 49 -11.31 -12.00 3.12
CA HIS A 49 -11.06 -12.72 1.89
C HIS A 49 -12.35 -12.90 1.09
N ALA A 50 -13.43 -13.26 1.77
CA ALA A 50 -14.71 -13.44 1.07
C ALA A 50 -15.19 -12.15 0.43
N VAL A 51 -15.10 -11.05 1.15
CA VAL A 51 -15.59 -9.78 0.66
C VAL A 51 -14.79 -9.37 -0.57
N LEU A 52 -13.47 -9.49 -0.49
CA LEU A 52 -12.58 -9.10 -1.58
C LEU A 52 -12.88 -9.90 -2.84
N ASN A 53 -13.28 -11.16 -2.65
CA ASN A 53 -13.48 -12.02 -3.80
C ASN A 53 -14.91 -12.10 -4.29
N ASP A 54 -15.77 -11.20 -3.80
CA ASP A 54 -17.12 -11.06 -4.33
C ASP A 54 -17.35 -9.61 -4.73
N PRO A 55 -16.75 -9.19 -5.87
CA PRO A 55 -16.84 -7.79 -6.32
C PRO A 55 -18.22 -7.39 -6.80
N THR A 56 -19.05 -8.35 -7.18
CA THR A 56 -20.41 -8.04 -7.62
C THR A 56 -21.24 -7.55 -6.44
N THR A 57 -21.18 -8.26 -5.32
CA THR A 57 -21.93 -7.87 -4.15
C THR A 57 -21.25 -6.69 -3.46
N PHE A 58 -19.94 -6.79 -3.28
CA PHE A 58 -19.15 -5.76 -2.58
C PHE A 58 -18.34 -4.96 -3.58
N CYS A 59 -18.98 -3.93 -4.13
CA CYS A 59 -18.45 -3.23 -5.27
C CYS A 59 -17.47 -2.13 -4.89
N SER A 60 -16.71 -1.66 -5.86
CA SER A 60 -15.71 -0.57 -5.65
C SER A 60 -16.11 0.77 -6.30
N SER A 61 -17.09 0.73 -7.20
CA SER A 61 -17.42 1.93 -7.98
C SER A 61 -18.19 2.97 -7.17
N ARG A 62 -18.66 2.61 -5.98
CA ARG A 62 -19.22 3.60 -5.08
C ARG A 62 -18.14 4.06 -4.10
N GLY A 63 -16.87 3.80 -4.43
CA GLY A 63 -15.74 4.29 -3.66
C GLY A 63 -15.20 3.23 -2.71
N VAL A 64 -13.89 3.26 -2.47
CA VAL A 64 -13.30 2.31 -1.50
C VAL A 64 -12.84 3.00 -0.23
N GLY A 65 -13.20 4.28 -0.09
CA GLY A 65 -13.10 4.97 1.19
C GLY A 65 -14.49 5.06 1.83
N LEU A 66 -14.62 5.84 2.89
CA LEU A 66 -15.88 5.92 3.61
C LEU A 66 -16.97 6.52 2.72
N SER A 67 -16.62 7.55 1.98
CA SER A 67 -17.59 8.22 1.13
C SER A 67 -18.23 7.32 0.08
N ASP A 68 -19.56 7.42 -0.03
CA ASP A 68 -20.34 6.65 -0.99
C ASP A 68 -20.58 7.58 -2.14
N PHE A 69 -19.96 7.29 -3.28
CA PHE A 69 -20.06 8.14 -4.46
C PHE A 69 -21.49 8.33 -4.98
N LYS A 70 -22.39 7.45 -4.59
CA LYS A 70 -23.81 7.62 -4.93
C LYS A 70 -24.47 8.70 -4.05
N LYS A 71 -23.82 9.04 -2.93
CA LYS A 71 -24.35 10.03 -1.99
C LYS A 71 -23.58 11.36 -2.04
N GLU A 72 -22.25 11.27 -2.21
CA GLU A 72 -21.38 12.47 -2.18
C GLU A 72 -20.54 12.53 -3.41
N LYS A 73 -20.01 13.71 -3.70
CA LYS A 73 -19.17 13.91 -4.86
C LYS A 73 -17.78 13.39 -4.48
N PRO A 74 -17.14 12.59 -5.34
CA PRO A 74 -15.77 12.18 -5.00
C PRO A 74 -14.85 13.42 -4.97
N TRP A 75 -13.84 13.41 -4.12
CA TRP A 75 -12.96 14.59 -3.97
C TRP A 75 -12.09 14.83 -5.22
N ARG A 76 -11.90 13.80 -6.04
CA ARG A 76 -11.26 13.91 -7.34
C ARG A 76 -12.02 12.97 -8.26
N PRO A 77 -11.93 13.21 -9.58
CA PRO A 77 -12.56 12.25 -10.50
C PRO A 77 -12.16 10.81 -10.15
N PRO A 78 -13.12 9.87 -10.16
CA PRO A 78 -12.85 8.49 -9.80
C PRO A 78 -11.75 7.84 -10.60
N SER A 79 -10.97 7.05 -9.90
CA SER A 79 -10.01 6.19 -10.54
C SER A 79 -10.70 5.24 -11.51
N LEU A 80 -10.11 5.06 -12.68
CA LEU A 80 -10.69 4.18 -13.70
C LEU A 80 -10.41 2.72 -13.44
N ILE A 81 -9.60 2.43 -12.44
CA ILE A 81 -9.29 1.05 -12.12
C ILE A 81 -9.67 0.72 -10.66
N LEU A 82 -9.20 1.49 -9.68
CA LEU A 82 -9.49 1.17 -8.29
C LEU A 82 -10.96 1.37 -7.95
N GLU A 83 -11.57 2.39 -8.56
CA GLU A 83 -12.92 2.80 -8.20
C GLU A 83 -13.88 2.47 -9.35
N ALA A 84 -13.57 1.36 -10.02
CA ALA A 84 -14.40 0.81 -11.10
C ALA A 84 -14.69 -0.65 -10.82
N ASP A 85 -15.82 -1.12 -11.32
CA ASP A 85 -16.15 -2.55 -11.27
C ASP A 85 -16.09 -3.18 -12.64
N PRO A 86 -15.97 -4.51 -12.67
CA PRO A 86 -16.17 -5.23 -13.94
C PRO A 86 -17.55 -4.92 -14.47
N PRO A 87 -17.69 -4.73 -15.80
CA PRO A 87 -16.67 -4.88 -16.83
C PRO A 87 -15.84 -3.64 -17.11
N ALA A 88 -16.28 -2.46 -16.64
CA ALA A 88 -15.53 -1.22 -16.95
C ALA A 88 -14.09 -1.29 -16.45
N HIS A 89 -13.91 -2.05 -15.37
CA HIS A 89 -12.62 -2.24 -14.72
C HIS A 89 -11.65 -2.99 -15.62
N THR A 90 -12.17 -3.94 -16.40
CA THR A 90 -11.34 -4.97 -16.97
C THR A 90 -10.25 -4.52 -17.94
N ARG A 91 -10.59 -3.72 -18.95
CA ARG A 91 -9.56 -3.38 -19.91
C ARG A 91 -8.51 -2.43 -19.34
N PRO A 92 -8.92 -1.44 -18.52
CA PRO A 92 -7.86 -0.61 -17.90
C PRO A 92 -6.94 -1.41 -16.99
N ARG A 93 -7.49 -2.40 -16.29
CA ARG A 93 -6.69 -3.37 -15.52
C ARG A 93 -5.70 -4.13 -16.40
N ALA A 94 -6.16 -4.55 -17.57
CA ALA A 94 -5.31 -5.25 -18.51
C ALA A 94 -4.15 -4.39 -18.98
N VAL A 95 -4.42 -3.12 -19.30
CA VAL A 95 -3.38 -2.22 -19.75
C VAL A 95 -2.32 -2.02 -18.67
N LEU A 96 -2.72 -1.76 -17.44
CA LEU A 96 -1.73 -1.52 -16.41
C LEU A 96 -0.98 -2.80 -16.10
N SER A 97 -1.64 -3.93 -16.26
CA SER A 97 -0.99 -5.22 -16.08
C SER A 97 0.12 -5.44 -17.11
N LYS A 98 -0.10 -5.02 -18.36
CA LYS A 98 0.93 -5.15 -19.39
C LYS A 98 2.02 -4.07 -19.27
N VAL A 99 1.66 -2.88 -18.79
CA VAL A 99 2.64 -1.82 -18.60
C VAL A 99 3.61 -2.24 -17.48
N LEU A 100 3.06 -2.89 -16.47
CA LEU A 100 3.81 -3.30 -15.28
C LEU A 100 4.06 -4.78 -15.28
N SER A 101 4.54 -5.23 -16.43
CA SER A 101 4.65 -6.63 -16.77
C SER A 101 5.97 -7.24 -16.34
N PRO A 102 6.04 -8.56 -16.37
CA PRO A 102 7.30 -9.30 -16.19
C PRO A 102 8.43 -8.83 -17.14
N ALA A 103 8.08 -8.51 -18.38
CA ALA A 103 9.06 -8.01 -19.33
C ALA A 103 9.56 -6.65 -18.89
N THR A 104 8.64 -5.83 -18.39
CA THR A 104 9.06 -4.53 -17.93
C THR A 104 9.97 -4.70 -16.72
N MET A 105 9.65 -5.65 -15.85
CA MET A 105 10.46 -5.86 -14.66
C MET A 105 11.86 -6.29 -15.13
N LYS A 106 11.89 -7.18 -16.10
CA LYS A 106 13.19 -7.64 -16.64
C LYS A 106 14.03 -6.47 -17.18
N THR A 107 13.38 -5.46 -17.75
CA THR A 107 14.11 -4.30 -18.23
C THR A 107 14.68 -3.38 -17.17
N ILE A 108 14.01 -3.26 -16.03
CA ILE A 108 14.40 -2.25 -15.04
C ILE A 108 15.13 -2.85 -13.83
N ARG A 109 15.06 -4.16 -13.70
CA ARG A 109 15.62 -4.85 -12.52
C ARG A 109 17.09 -4.53 -12.23
N ASP A 110 17.96 -4.51 -13.25
CA ASP A 110 19.37 -4.31 -12.93
C ASP A 110 19.62 -2.88 -12.45
N GLY A 111 18.89 -1.92 -13.00
CA GLY A 111 19.03 -0.54 -12.55
C GLY A 111 18.49 -0.37 -11.13
N PHE A 112 17.39 -1.05 -10.85
CA PHE A 112 16.76 -0.98 -9.53
C PHE A 112 17.74 -1.56 -8.49
N ALA A 113 18.38 -2.65 -8.87
CA ALA A 113 19.33 -3.33 -7.96
C ALA A 113 20.60 -2.49 -7.71
N ALA A 114 21.19 -1.97 -8.77
CA ALA A 114 22.34 -1.08 -8.62
C ALA A 114 22.04 0.10 -7.70
N ALA A 115 20.85 0.67 -7.85
CA ALA A 115 20.45 1.85 -7.07
C ALA A 115 20.29 1.50 -5.59
N ALA A 116 19.80 0.31 -5.34
CA ALA A 116 19.69 -0.19 -3.97
C ALA A 116 21.05 -0.49 -3.32
N ASP A 117 21.94 -1.18 -4.03
CA ASP A 117 23.32 -1.38 -3.55
C ASP A 117 24.00 -0.03 -3.30
N ALA A 118 23.87 0.91 -4.22
CA ALA A 118 24.52 2.21 -4.07
C ALA A 118 23.99 2.95 -2.86
N LYS A 119 22.69 2.86 -2.62
CA LYS A 119 22.08 3.56 -1.50
C LYS A 119 22.62 2.97 -0.20
N VAL A 120 22.62 1.65 -0.12
CA VAL A 120 23.09 1.01 1.09
C VAL A 120 24.56 1.37 1.30
N ASP A 121 25.36 1.36 0.24
CA ASP A 121 26.78 1.69 0.40
C ASP A 121 26.90 3.11 0.94
N GLU A 122 26.08 4.02 0.44
CA GLU A 122 26.13 5.41 0.85
C GLU A 122 25.73 5.54 2.32
N LEU A 123 24.71 4.81 2.73
CA LEU A 123 24.24 4.92 4.09
C LEU A 123 25.31 4.37 5.04
N LEU A 124 26.04 3.35 4.61
CA LEU A 124 27.05 2.74 5.47
C LEU A 124 28.20 3.72 5.73
N GLN A 125 28.41 4.67 4.82
CA GLN A 125 29.41 5.71 5.02
C GLN A 125 28.99 6.65 6.12
N ARG A 126 27.68 6.88 6.24
CA ARG A 126 27.16 7.73 7.30
CA ARG A 126 27.15 7.73 7.31
C ARG A 126 27.03 6.97 8.61
N GLY A 127 26.68 5.68 8.52
CA GLY A 127 26.57 4.82 9.69
C GLY A 127 25.26 4.99 10.44
N CYS A 128 25.05 6.20 10.95
CA CYS A 128 23.83 6.56 11.70
C CYS A 128 22.88 7.37 10.82
N ILE A 129 21.74 6.77 10.46
CA ILE A 129 20.87 7.32 9.45
C ILE A 129 19.45 7.25 9.96
N ASP A 130 18.54 7.87 9.22
CA ASP A 130 17.12 7.74 9.49
C ASP A 130 16.60 6.81 8.43
N ALA A 131 16.16 5.63 8.83
CA ALA A 131 15.79 4.62 7.82
C ALA A 131 14.52 4.99 7.07
N ILE A 132 13.77 5.97 7.55
CA ILE A 132 12.64 6.45 6.75
C ILE A 132 13.15 7.41 5.68
N ALA A 133 13.53 8.64 6.06
CA ALA A 133 13.91 9.63 5.05
C ALA A 133 15.04 9.14 4.17
N ASP A 134 16.02 8.49 4.80
CA ASP A 134 17.28 8.23 4.13
C ASP A 134 17.30 6.93 3.35
N LEU A 135 16.25 6.12 3.52
CA LEU A 135 16.25 4.79 2.90
C LEU A 135 14.87 4.46 2.35
N ALA A 136 13.86 4.36 3.22
CA ALA A 136 12.53 3.95 2.80
C ALA A 136 11.97 5.00 1.84
N GLU A 137 12.27 6.28 2.05
CA GLU A 137 11.85 7.32 1.10
C GLU A 137 12.87 7.51 -0.02
N ALA A 138 14.14 7.60 0.37
CA ALA A 138 15.17 7.95 -0.61
C ALA A 138 15.33 6.90 -1.70
N TYR A 139 15.24 5.62 -1.35
CA TYR A 139 15.43 4.62 -2.39
C TYR A 139 14.28 4.66 -3.44
N PRO A 140 13.00 4.54 -3.03
CA PRO A 140 11.94 4.65 -4.07
C PRO A 140 11.97 5.95 -4.86
N LEU A 141 12.36 7.06 -4.22
CA LEU A 141 12.44 8.33 -4.93
C LEU A 141 13.56 8.28 -5.97
N SER A 142 14.56 7.44 -5.73
CA SER A 142 15.72 7.36 -6.63
C SER A 142 15.47 6.48 -7.83
N VAL A 143 14.45 5.63 -7.78
CA VAL A 143 14.12 4.77 -8.93
C VAL A 143 12.74 4.96 -9.58
N PHE A 144 11.69 5.28 -8.80
CA PHE A 144 10.32 5.12 -9.31
C PHE A 144 9.91 6.30 -10.20
N PRO A 145 10.20 7.54 -9.76
CA PRO A 145 9.90 8.68 -10.62
C PRO A 145 10.61 8.57 -11.96
N ASP A 146 11.85 8.12 -11.97
CA ASP A 146 12.55 7.98 -13.22
C ASP A 146 11.90 6.89 -14.04
N ALA A 147 11.54 5.79 -13.40
CA ALA A 147 10.87 4.71 -14.12
C ALA A 147 9.52 5.15 -14.70
N MET A 148 8.89 6.13 -14.05
CA MET A 148 7.59 6.66 -14.51
C MET A 148 7.81 7.50 -15.76
N GLY A 149 9.03 8.03 -15.87
CA GLY A 149 9.38 8.99 -16.91
C GLY A 149 9.05 10.43 -16.54
N LEU A 150 9.02 10.73 -15.24
CA LEU A 150 8.76 12.08 -14.76
C LEU A 150 9.97 12.99 -14.92
N LYS A 151 9.75 14.27 -15.20
CA LYS A 151 10.83 15.26 -15.12
C LYS A 151 11.36 15.39 -13.68
N GLN A 152 12.45 16.12 -13.52
CA GLN A 152 13.00 16.35 -12.18
C GLN A 152 12.21 17.36 -11.35
N GLU A 153 11.80 18.49 -11.91
CA GLU A 153 11.20 19.52 -11.06
C GLU A 153 9.79 19.07 -10.62
N GLY A 154 9.45 19.36 -9.38
CA GLY A 154 8.13 19.11 -8.86
C GLY A 154 7.98 17.76 -8.18
N ARG A 155 9.03 16.96 -8.14
CA ARG A 155 8.94 15.62 -7.55
C ARG A 155 8.64 15.67 -6.07
N GLU A 156 9.00 16.76 -5.41
CA GLU A 156 8.66 16.98 -4.02
C GLU A 156 7.14 16.95 -3.77
N HIS A 157 6.33 17.03 -4.83
CA HIS A 157 4.87 16.97 -4.70
C HIS A 157 4.36 15.52 -4.56
N LEU A 158 5.19 14.55 -4.90
CA LEU A 158 4.71 13.20 -5.02
C LEU A 158 4.30 12.58 -3.68
N LEU A 159 5.11 12.71 -2.63
CA LEU A 159 4.73 12.03 -1.40
C LEU A 159 3.56 12.77 -0.74
N PRO A 160 3.54 14.12 -0.79
CA PRO A 160 2.37 14.84 -0.26
C PRO A 160 1.08 14.47 -0.95
N TYR A 161 1.13 14.32 -2.27
CA TYR A 161 -0.06 13.96 -3.02
C TYR A 161 -0.52 12.58 -2.60
N ALA A 162 0.41 11.66 -2.45
CA ALA A 162 0.06 10.31 -2.01
C ALA A 162 -0.51 10.32 -0.59
N GLY A 163 0.07 11.09 0.32
CA GLY A 163 -0.46 11.17 1.66
C GLY A 163 -1.89 11.66 1.64
N LEU A 164 -2.13 12.64 0.77
CA LEU A 164 -3.45 13.20 0.55
C LEU A 164 -4.42 12.11 0.08
N VAL A 165 -4.04 11.37 -0.96
CA VAL A 165 -4.89 10.29 -1.50
C VAL A 165 -5.27 9.31 -0.42
N PHE A 166 -4.29 8.86 0.35
CA PHE A 166 -4.56 7.84 1.33
C PHE A 166 -5.38 8.36 2.52
N ASN A 167 -5.16 9.61 2.91
CA ASN A 167 -5.98 10.22 3.93
C ASN A 167 -7.43 10.44 3.45
N ALA A 168 -7.60 10.69 2.15
CA ALA A 168 -8.92 11.00 1.63
C ALA A 168 -9.84 9.76 1.53
N PHE A 169 -9.28 8.56 1.63
CA PHE A 169 -10.10 7.35 1.70
C PHE A 169 -10.79 7.30 3.06
N GLY A 170 -10.27 8.06 4.02
CA GLY A 170 -10.73 7.91 5.39
C GLY A 170 -12.02 8.67 5.61
N PRO A 171 -12.51 8.66 6.84
CA PRO A 171 -13.69 9.48 7.17
C PRO A 171 -13.32 10.94 7.20
N PRO A 172 -14.34 11.81 7.27
CA PRO A 172 -14.04 13.24 7.33
C PRO A 172 -13.58 13.69 8.72
N ASN A 173 -12.44 13.16 9.17
CA ASN A 173 -11.80 13.65 10.38
C ASN A 173 -10.82 14.75 10.03
N GLU A 174 -10.02 15.16 11.02
CA GLU A 174 -9.10 16.26 10.83
C GLU A 174 -7.97 15.87 9.88
N LEU A 175 -7.49 14.63 9.94
CA LEU A 175 -6.50 14.20 8.95
C LEU A 175 -7.00 14.42 7.52
N ARG A 176 -8.22 13.98 7.24
CA ARG A 176 -8.73 14.10 5.89
C ARG A 176 -8.99 15.55 5.52
N GLN A 177 -9.62 16.28 6.42
CA GLN A 177 -9.99 17.67 6.14
C GLN A 177 -8.75 18.53 5.88
N THR A 178 -7.72 18.33 6.69
CA THR A 178 -6.48 19.07 6.51
C THR A 178 -5.77 18.69 5.23
N ALA A 179 -5.77 17.40 4.88
CA ALA A 179 -5.12 17.01 3.64
C ALA A 179 -5.79 17.70 2.47
N ILE A 180 -7.13 17.72 2.47
CA ILE A 180 -7.84 18.22 1.33
C ILE A 180 -7.60 19.73 1.22
N GLU A 181 -7.55 20.41 2.35
CA GLU A 181 -7.44 21.85 2.27
C GLU A 181 -6.04 22.25 1.76
N ARG A 182 -5.05 21.37 1.91
CA ARG A 182 -3.70 21.61 1.42
C ARG A 182 -3.45 21.05 0.01
N SER A 183 -4.47 20.46 -0.61
CA SER A 183 -4.25 19.62 -1.78
C SER A 183 -3.92 20.33 -3.08
N ALA A 184 -4.32 21.59 -3.25
CA ALA A 184 -4.41 22.17 -4.58
C ALA A 184 -3.11 22.11 -5.42
N PRO A 185 -1.97 22.52 -4.85
CA PRO A 185 -0.71 22.51 -5.63
C PRO A 185 -0.22 21.10 -5.98
N HIS A 186 -0.46 20.15 -5.09
CA HIS A 186 -0.06 18.77 -5.34
C HIS A 186 -0.92 18.17 -6.45
N GLN A 187 -2.24 18.36 -6.36
CA GLN A 187 -3.13 17.91 -7.44
C GLN A 187 -2.74 18.49 -8.80
N ALA A 188 -2.37 19.77 -8.81
CA ALA A 188 -2.11 20.46 -10.06
C ALA A 188 -0.87 19.87 -10.73
N TYR A 189 0.18 19.69 -9.93
CA TYR A 189 1.40 19.07 -10.41
C TYR A 189 1.10 17.67 -11.00
N VAL A 190 0.47 16.82 -10.20
CA VAL A 190 0.23 15.45 -10.61
C VAL A 190 -0.61 15.43 -11.88
N ASN A 191 -1.74 16.15 -11.89
CA ASN A 191 -2.57 16.11 -13.08
C ASN A 191 -1.81 16.58 -14.30
N GLU A 192 -0.93 17.58 -14.16
CA GLU A 192 -0.16 18.02 -15.33
C GLU A 192 0.88 16.99 -15.79
N GLN A 193 1.52 16.25 -14.88
CA GLN A 193 2.49 15.26 -15.31
C GLN A 193 1.85 14.06 -16.00
N CYS A 194 0.53 13.94 -15.90
CA CYS A 194 -0.19 12.82 -16.49
C CYS A 194 -0.41 12.97 -18.00
N GLN A 195 -0.12 14.16 -18.51
CA GLN A 195 -0.30 14.40 -19.94
C GLN A 195 0.84 13.83 -20.75
N ARG A 196 0.53 13.23 -21.90
CA ARG A 196 1.53 12.55 -22.74
C ARG A 196 2.86 13.29 -22.96
N PRO A 197 2.82 14.59 -23.33
CA PRO A 197 4.11 15.26 -23.58
C PRO A 197 5.07 15.26 -22.40
N ASN A 198 4.55 15.11 -21.18
CA ASN A 198 5.33 15.27 -19.96
C ASN A 198 5.91 13.97 -19.42
N LEU A 199 5.77 12.88 -20.18
CA LEU A 199 6.24 11.58 -19.73
C LEU A 199 7.31 11.06 -20.67
N ALA A 200 8.51 10.84 -20.14
CA ALA A 200 9.67 10.55 -20.99
C ALA A 200 9.53 9.21 -21.71
N PRO A 201 10.08 9.12 -22.93
CA PRO A 201 9.97 7.86 -23.68
C PRO A 201 10.49 6.66 -22.87
N GLY A 202 9.83 5.51 -23.00
CA GLY A 202 10.27 4.28 -22.40
C GLY A 202 9.64 3.98 -21.04
N GLY A 203 9.23 5.01 -20.33
CA GLY A 203 8.68 4.86 -18.98
C GLY A 203 7.26 4.32 -18.88
N PHE A 204 6.80 4.15 -17.66
CA PHE A 204 5.50 3.56 -17.40
C PHE A 204 4.40 4.44 -18.00
N GLY A 205 4.57 5.74 -17.80
CA GLY A 205 3.56 6.70 -18.22
C GLY A 205 3.43 6.75 -19.74
N ALA A 206 4.56 6.71 -20.42
CA ALA A 206 4.56 6.76 -21.88
C ALA A 206 3.97 5.48 -22.41
N CYS A 207 4.22 4.40 -21.69
CA CYS A 207 3.72 3.09 -22.10
CA CYS A 207 3.71 3.11 -22.13
C CYS A 207 2.20 3.04 -21.99
N ILE A 208 1.66 3.72 -20.98
CA ILE A 208 0.20 3.79 -20.82
C ILE A 208 -0.38 4.53 -22.01
N HIS A 209 0.21 5.67 -22.34
CA HIS A 209 -0.28 6.46 -23.47
C HIS A 209 -0.14 5.74 -24.80
N ALA A 210 0.85 4.85 -24.90
CA ALA A 210 1.10 4.13 -26.14
C ALA A 210 0.07 3.01 -26.32
N PHE A 211 -0.62 2.65 -25.26
CA PHE A 211 -1.60 1.56 -25.26
C PHE A 211 -3.01 2.05 -25.48
N THR A 212 -3.14 3.20 -26.07
CA THR A 212 -4.46 3.86 -26.20
C THR A 212 -5.08 3.60 -27.55
N ASP A 213 -4.60 2.61 -28.29
CA ASP A 213 -5.05 2.43 -29.66
C ASP A 213 -5.45 0.98 -29.90
N THR A 214 -5.54 0.21 -28.82
CA THR A 214 -5.79 -1.23 -28.97
C THR A 214 -7.22 -1.62 -28.81
N GLY A 215 -8.04 -0.65 -28.43
CA GLY A 215 -9.43 -0.89 -28.07
C GLY A 215 -9.59 -1.21 -26.60
N GLU A 216 -8.53 -1.10 -25.80
CA GLU A 216 -8.66 -1.36 -24.37
C GLU A 216 -8.94 -0.06 -23.60
N ILE A 217 -8.14 0.97 -23.89
CA ILE A 217 -8.42 2.30 -23.41
C ILE A 217 -8.33 3.28 -24.57
N THR A 218 -8.86 4.48 -24.33
CA THR A 218 -8.83 5.55 -25.31
C THR A 218 -7.82 6.58 -24.82
N PRO A 219 -7.40 7.49 -25.71
CA PRO A 219 -6.41 8.49 -25.26
C PRO A 219 -6.88 9.33 -24.08
N ASP A 220 -8.18 9.55 -23.92
CA ASP A 220 -8.67 10.36 -22.83
C ASP A 220 -8.69 9.62 -21.51
N GLU A 221 -8.42 8.32 -21.53
CA GLU A 221 -8.37 7.53 -20.29
C GLU A 221 -6.96 7.43 -19.77
N ALA A 222 -5.96 7.68 -20.62
CA ALA A 222 -4.59 7.49 -20.21
C ALA A 222 -4.11 8.42 -19.09
N PRO A 223 -4.50 9.72 -19.11
CA PRO A 223 -4.00 10.56 -18.00
C PRO A 223 -4.43 10.07 -16.60
N LEU A 224 -5.67 9.59 -16.46
CA LEU A 224 -6.12 9.14 -15.15
C LEU A 224 -5.47 7.83 -14.77
N LEU A 225 -5.06 7.03 -15.75
CA LEU A 225 -4.36 5.79 -15.44
C LEU A 225 -2.90 6.09 -15.04
N VAL A 226 -2.28 7.10 -15.65
CA VAL A 226 -0.99 7.57 -15.13
C VAL A 226 -1.23 8.08 -13.70
N ARG A 227 -2.36 8.74 -13.49
CA ARG A 227 -2.66 9.28 -12.15
C ARG A 227 -2.70 8.17 -11.13
N SER A 228 -3.21 7.00 -11.51
CA SER A 228 -3.23 5.86 -10.60
C SER A 228 -1.83 5.48 -10.15
N LEU A 229 -0.87 5.40 -11.07
CA LEU A 229 0.48 5.01 -10.70
C LEU A 229 1.14 6.08 -9.85
N LEU A 230 0.78 7.35 -10.07
CA LEU A 230 1.39 8.43 -9.29
C LEU A 230 0.72 8.57 -7.94
N SER A 231 -0.42 7.93 -7.80
CA SER A 231 -1.13 7.92 -6.52
C SER A 231 -0.61 6.77 -5.66
N ALA A 232 -0.53 5.60 -6.28
CA ALA A 232 -0.28 4.34 -5.59
C ALA A 232 1.18 3.90 -5.56
N GLY A 233 1.99 4.40 -6.47
CA GLY A 233 3.21 3.67 -6.78
C GLY A 233 4.45 3.99 -5.99
N LEU A 234 4.41 5.07 -5.22
CA LEU A 234 5.56 5.51 -4.45
C LEU A 234 5.37 5.29 -2.94
N ASP A 235 4.35 5.91 -2.35
CA ASP A 235 4.19 5.89 -0.89
C ASP A 235 3.98 4.50 -0.30
N THR A 236 3.27 3.65 -1.03
CA THR A 236 3.09 2.26 -0.64
C THR A 236 4.43 1.55 -0.42
N THR A 237 5.31 1.71 -1.40
CA THR A 237 6.62 1.06 -1.36
C THR A 237 7.47 1.67 -0.27
N VAL A 238 7.33 2.96 -0.04
CA VAL A 238 8.06 3.63 1.04
C VAL A 238 7.72 2.97 2.38
N ASN A 239 6.43 2.80 2.63
CA ASN A 239 6.01 2.16 3.85
C ASN A 239 6.26 0.69 3.88
N GLY A 240 6.22 0.04 2.72
CA GLY A 240 6.64 -1.35 2.67
C GLY A 240 8.09 -1.59 3.01
N ILE A 241 8.97 -0.82 2.39
CA ILE A 241 10.40 -0.92 2.69
C ILE A 241 10.65 -0.49 4.12
N GLY A 242 9.98 0.57 4.55
CA GLY A 242 10.05 1.03 5.93
C GLY A 242 9.66 -0.08 6.90
N ALA A 243 8.57 -0.76 6.59
CA ALA A 243 8.13 -1.91 7.40
C ALA A 243 9.24 -2.95 7.51
N ALA A 244 9.79 -3.35 6.37
CA ALA A 244 10.79 -4.43 6.36
C ALA A 244 12.02 -4.08 7.18
N VAL A 245 12.51 -2.85 7.04
CA VAL A 245 13.66 -2.45 7.82
C VAL A 245 13.33 -2.42 9.32
N TYR A 246 12.18 -1.86 9.69
CA TYR A 246 11.76 -1.86 11.07
C TYR A 246 11.68 -3.30 11.62
N CYS A 247 11.17 -4.23 10.81
CA CYS A 247 11.09 -5.61 11.23
C CYS A 247 12.46 -6.18 11.45
N LEU A 248 13.37 -5.95 10.50
CA LEU A 248 14.75 -6.42 10.67
C LEU A 248 15.42 -5.76 11.88
N ALA A 249 15.07 -4.51 12.15
CA ALA A 249 15.67 -3.82 13.28
C ALA A 249 15.12 -4.39 14.61
N ARG A 250 13.88 -4.82 14.60
CA ARG A 250 13.27 -5.33 15.83
C ARG A 250 13.49 -6.83 16.06
N PHE A 251 13.84 -7.56 15.00
CA PHE A 251 14.02 -8.99 15.08
C PHE A 251 15.41 -9.34 14.52
N PRO A 252 16.47 -9.02 15.27
CA PRO A 252 17.85 -9.28 14.84
C PRO A 252 18.14 -10.71 14.39
N GLY A 253 17.52 -11.70 15.01
CA GLY A 253 17.69 -13.07 14.59
C GLY A 253 17.24 -13.30 13.16
N GLU A 254 16.25 -12.55 12.70
CA GLU A 254 15.79 -12.72 11.32
C GLU A 254 16.73 -12.01 10.36
N LEU A 255 17.34 -10.92 10.81
CA LEU A 255 18.34 -10.27 9.98
C LEU A 255 19.49 -11.25 9.82
N GLN A 256 19.79 -11.99 10.88
CA GLN A 256 20.91 -12.92 10.83
CA GLN A 256 20.91 -12.90 10.82
C GLN A 256 20.62 -14.04 9.86
N ARG A 257 19.37 -14.49 9.80
CA ARG A 257 18.99 -15.54 8.85
C ARG A 257 19.09 -14.99 7.43
N LEU A 258 18.61 -13.78 7.26
CA LEU A 258 18.62 -13.16 5.93
C LEU A 258 20.05 -12.97 5.41
N ARG A 259 20.97 -12.57 6.30
CA ARG A 259 22.38 -12.43 5.91
C ARG A 259 22.92 -13.76 5.44
N SER A 260 22.51 -14.83 6.09
CA SER A 260 23.06 -16.15 5.81
C SER A 260 22.52 -16.72 4.51
N ASP A 261 21.35 -16.26 4.07
CA ASP A 261 20.83 -16.63 2.78
C ASP A 261 20.14 -15.43 2.14
N PRO A 262 20.88 -14.68 1.33
CA PRO A 262 20.23 -13.49 0.74
C PRO A 262 19.09 -13.82 -0.20
N THR A 263 18.96 -15.07 -0.62
CA THR A 263 17.84 -15.40 -1.53
C THR A 263 16.50 -15.37 -0.79
N LEU A 264 16.52 -15.23 0.53
CA LEU A 264 15.32 -15.06 1.32
C LEU A 264 14.77 -13.64 1.27
N ALA A 265 15.41 -12.78 0.49
CA ALA A 265 15.09 -11.36 0.49
C ALA A 265 13.65 -11.11 0.06
N ARG A 266 13.25 -11.77 -1.02
CA ARG A 266 11.92 -11.54 -1.56
C ARG A 266 10.83 -11.98 -0.55
N ASN A 267 11.06 -13.10 0.13
CA ASN A 267 10.08 -13.54 1.12
C ASN A 267 10.14 -12.73 2.41
N ALA A 268 11.31 -12.25 2.74
CA ALA A 268 11.47 -11.37 3.89
C ALA A 268 10.69 -10.05 3.72
N PHE A 269 10.67 -9.53 2.50
CA PHE A 269 9.83 -8.38 2.21
C PHE A 269 8.32 -8.71 2.21
N GLU A 270 7.96 -9.84 1.60
CA GLU A 270 6.59 -10.27 1.58
C GLU A 270 6.07 -10.43 3.02
N GLU A 271 6.90 -11.00 3.91
CA GLU A 271 6.47 -11.16 5.28
C GLU A 271 6.31 -9.81 5.96
N ALA A 272 7.13 -8.85 5.57
CA ALA A 272 7.05 -7.55 6.19
C ALA A 272 5.73 -6.90 5.74
N VAL A 273 5.31 -7.18 4.51
CA VAL A 273 4.02 -6.64 4.06
C VAL A 273 2.87 -7.29 4.85
N ARG A 274 2.98 -8.57 5.15
CA ARG A 274 1.95 -9.24 5.96
C ARG A 274 1.93 -8.67 7.36
N PHE A 275 3.12 -8.56 7.93
CA PHE A 275 3.29 -8.21 9.32
C PHE A 275 2.88 -6.75 9.62
N GLU A 276 3.19 -5.81 8.71
CA GLU A 276 2.88 -4.41 8.96
C GLU A 276 1.71 -3.89 8.12
N SER A 277 1.36 -4.64 7.08
CA SER A 277 0.31 -4.24 6.14
C SER A 277 0.16 -2.77 5.83
N PRO A 278 1.17 -2.19 5.16
CA PRO A 278 1.18 -0.78 4.76
C PRO A 278 -0.21 -0.21 4.46
N VAL A 279 -1.02 -0.93 3.71
CA VAL A 279 -2.40 -0.50 3.46
C VAL A 279 -3.24 -1.27 4.47
N GLN A 280 -3.73 -0.57 5.48
CA GLN A 280 -4.38 -1.20 6.64
C GLN A 280 -5.85 -1.59 6.42
N THR A 281 -6.58 -0.68 5.78
CA THR A 281 -8.01 -0.81 5.72
C THR A 281 -8.51 -0.27 4.40
N PHE A 282 -9.62 -0.84 3.91
CA PHE A 282 -10.46 -0.11 2.97
C PHE A 282 -11.85 -0.67 2.86
N PHE A 283 -12.68 0.00 2.07
CA PHE A 283 -14.11 -0.27 2.05
C PHE A 283 -14.60 -0.91 0.76
N ARG A 284 -15.76 -1.52 0.87
CA ARG A 284 -16.59 -1.86 -0.29
C ARG A 284 -17.98 -1.32 -0.02
N THR A 285 -18.83 -1.27 -1.05
CA THR A 285 -20.22 -0.92 -0.83
C THR A 285 -21.10 -2.06 -1.33
N THR A 286 -22.08 -2.48 -0.52
CA THR A 286 -22.95 -3.58 -0.94
C THR A 286 -23.91 -3.11 -2.01
N THR A 287 -24.07 -3.93 -3.05
CA THR A 287 -24.98 -3.62 -4.16
C THR A 287 -26.33 -4.32 -4.00
N ARG A 288 -26.47 -5.09 -2.92
CA ARG A 288 -27.69 -5.85 -2.62
C ARG A 288 -27.68 -6.28 -1.17
N GLU A 289 -28.83 -6.74 -0.68
CA GLU A 289 -28.86 -7.45 0.59
C GLU A 289 -28.01 -8.70 0.46
N VAL A 290 -27.28 -9.03 1.52
CA VAL A 290 -26.32 -10.13 1.47
C VAL A 290 -26.12 -10.73 2.86
N GLU A 291 -25.96 -12.05 2.89
CA GLU A 291 -25.57 -12.75 4.10
C GLU A 291 -24.04 -12.87 4.16
N LEU A 292 -23.45 -12.39 5.23
CA LEU A 292 -22.00 -12.48 5.42
C LEU A 292 -21.71 -12.85 6.86
N GLY A 293 -20.94 -13.92 7.05
CA GLY A 293 -20.64 -14.40 8.39
C GLY A 293 -21.89 -14.41 9.27
N GLY A 294 -22.95 -15.04 8.76
CA GLY A 294 -24.19 -15.20 9.50
C GLY A 294 -25.02 -13.95 9.75
N ALA A 295 -24.56 -12.79 9.26
CA ALA A 295 -25.29 -11.54 9.46
C ALA A 295 -25.85 -11.00 8.14
N VAL A 296 -26.92 -10.22 8.23
CA VAL A 296 -27.59 -9.69 7.04
C VAL A 296 -27.27 -8.22 6.87
N ILE A 297 -26.70 -7.89 5.72
CA ILE A 297 -26.30 -6.53 5.41
C ILE A 297 -27.13 -6.01 4.24
N GLY A 298 -27.86 -4.92 4.46
CA GLY A 298 -28.66 -4.32 3.41
C GLY A 298 -27.88 -3.75 2.23
N GLU A 299 -28.62 -3.37 1.20
CA GLU A 299 -28.06 -2.73 0.02
C GLU A 299 -27.53 -1.37 0.41
N GLY A 300 -26.45 -0.97 -0.24
CA GLY A 300 -25.94 0.39 -0.13
C GLY A 300 -25.22 0.70 1.17
N GLU A 301 -24.66 -0.33 1.80
CA GLU A 301 -23.95 -0.20 3.07
C GLU A 301 -22.44 -0.26 2.84
N LYS A 302 -21.69 0.58 3.54
CA LYS A 302 -20.24 0.51 3.48
C LYS A 302 -19.75 -0.59 4.42
N VAL A 303 -18.78 -1.37 3.94
CA VAL A 303 -18.15 -2.41 4.69
C VAL A 303 -16.67 -2.14 4.76
N LEU A 304 -16.14 -2.09 5.99
CA LEU A 304 -14.76 -1.82 6.24
C LEU A 304 -14.03 -3.12 6.52
N MET A 305 -13.11 -3.36 5.62
CA MET A 305 -12.15 -4.53 5.78
CA MET A 305 -12.20 -4.66 5.72
C MET A 305 -10.75 -4.21 6.43
N PHE A 306 -10.46 -4.94 7.47
CA PHE A 306 -9.19 -4.71 8.16
C PHE A 306 -8.13 -5.66 7.61
N LEU A 307 -7.39 -5.23 6.61
CA LEU A 307 -6.37 -6.09 6.03
C LEU A 307 -5.28 -6.46 7.02
N GLY A 308 -4.80 -5.48 7.78
CA GLY A 308 -3.74 -5.77 8.74
C GLY A 308 -4.19 -6.77 9.77
N SER A 309 -5.46 -6.72 10.15
CA SER A 309 -6.00 -7.66 11.12
C SER A 309 -6.16 -9.08 10.53
N ALA A 310 -6.63 -9.12 9.29
CA ALA A 310 -6.74 -10.39 8.59
C ALA A 310 -5.37 -11.03 8.50
N ASN A 311 -4.34 -10.20 8.38
CA ASN A 311 -2.98 -10.70 8.23
C ASN A 311 -2.38 -11.11 9.54
N ARG A 312 -3.08 -10.81 10.64
CA ARG A 312 -2.63 -11.25 11.97
C ARG A 312 -3.65 -12.15 12.69
N ASP A 313 -4.61 -12.69 11.94
CA ASP A 313 -5.70 -13.46 12.52
C ASP A 313 -5.14 -14.85 12.88
N PRO A 314 -5.17 -15.23 14.18
CA PRO A 314 -4.66 -16.56 14.53
C PRO A 314 -5.51 -17.70 14.00
N ARG A 315 -6.69 -17.40 13.45
CA ARG A 315 -7.53 -18.42 12.85
C ARG A 315 -6.92 -18.90 11.55
N ARG A 316 -6.08 -18.06 10.96
CA ARG A 316 -5.43 -18.35 9.69
C ARG A 316 -3.92 -18.53 9.81
N TRP A 317 -3.28 -17.80 10.71
CA TRP A 317 -1.83 -17.81 10.83
C TRP A 317 -1.36 -18.41 12.13
N SER A 318 -0.34 -19.24 12.03
CA SER A 318 0.41 -19.69 13.21
C SER A 318 1.37 -18.56 13.63
N ASP A 319 1.36 -18.22 14.93
CA ASP A 319 2.18 -17.16 15.50
C ASP A 319 2.15 -15.90 14.64
N PRO A 320 0.97 -15.35 14.43
CA PRO A 320 0.84 -14.21 13.51
C PRO A 320 1.66 -12.98 13.90
N ASP A 321 1.96 -12.85 15.19
CA ASP A 321 2.60 -11.65 15.70
C ASP A 321 4.11 -11.81 15.74
N LEU A 322 4.59 -12.91 15.15
CA LEU A 322 6.01 -13.08 14.88
C LEU A 322 6.36 -12.77 13.42
N TYR A 323 7.47 -12.05 13.25
CA TYR A 323 8.08 -11.83 11.93
C TYR A 323 8.97 -13.02 11.57
N ASP A 324 8.59 -13.75 10.53
CA ASP A 324 9.28 -15.00 10.16
C ASP A 324 9.57 -15.00 8.65
N ILE A 325 10.82 -14.80 8.28
CA ILE A 325 11.14 -14.57 6.87
C ILE A 325 11.08 -15.85 6.06
N THR A 326 10.89 -16.99 6.71
CA THR A 326 10.67 -18.24 5.97
C THR A 326 9.23 -18.75 6.05
N ARG A 327 8.33 -17.91 6.57
CA ARG A 327 6.89 -18.21 6.58
C ARG A 327 6.33 -18.41 5.18
N LYS A 328 5.43 -19.38 5.04
CA LYS A 328 4.63 -19.46 3.82
C LYS A 328 3.59 -18.33 3.83
N THR A 329 3.95 -17.22 3.18
CA THR A 329 3.15 -16.00 3.19
C THR A 329 2.01 -16.03 2.19
N SER A 330 2.08 -16.96 1.26
CA SER A 330 1.07 -17.06 0.21
C SER A 330 -0.34 -16.96 0.79
N GLY A 331 -1.15 -16.04 0.29
CA GLY A 331 -2.51 -15.92 0.78
C GLY A 331 -2.78 -14.74 1.68
N HIS A 332 -1.73 -14.05 2.13
CA HIS A 332 -1.94 -12.82 2.88
C HIS A 332 -2.63 -11.81 1.98
N VAL A 333 -3.32 -10.84 2.60
CA VAL A 333 -4.10 -9.85 1.85
C VAL A 333 -3.50 -8.43 1.90
N GLY A 334 -2.20 -8.33 2.16
CA GLY A 334 -1.53 -7.03 2.15
C GLY A 334 -1.59 -6.35 0.78
N PHE A 335 -1.69 -7.13 -0.29
CA PHE A 335 -1.84 -6.61 -1.65
C PHE A 335 -3.26 -6.82 -2.16
N GLY A 336 -4.19 -7.10 -1.26
CA GLY A 336 -5.55 -7.38 -1.67
C GLY A 336 -5.69 -8.81 -2.16
N SER A 337 -6.79 -9.06 -2.86
CA SER A 337 -7.12 -10.41 -3.32
C SER A 337 -8.24 -10.31 -4.35
N GLY A 338 -8.15 -11.09 -5.42
CA GLY A 338 -9.18 -11.09 -6.43
C GLY A 338 -8.92 -10.11 -7.56
N VAL A 339 -9.98 -9.54 -8.12
CA VAL A 339 -9.84 -8.82 -9.38
C VAL A 339 -9.09 -7.49 -9.23
N HIS A 340 -9.08 -6.93 -8.03
CA HIS A 340 -8.35 -5.68 -7.81
C HIS A 340 -6.99 -5.90 -7.16
N MET A 341 -6.59 -7.16 -7.02
CA MET A 341 -5.32 -7.43 -6.35
C MET A 341 -4.20 -6.61 -7.00
N CYS A 342 -3.39 -5.99 -6.15
CA CYS A 342 -2.43 -4.97 -6.55
C CYS A 342 -1.86 -5.24 -7.91
N VAL A 343 -2.09 -4.33 -8.86
CA VAL A 343 -1.58 -4.53 -10.21
C VAL A 343 -0.11 -4.12 -10.26
N GLY A 344 0.34 -3.35 -9.26
CA GLY A 344 1.73 -2.91 -9.19
C GLY A 344 2.64 -3.74 -8.28
N GLN A 345 2.19 -4.93 -7.93
CA GLN A 345 2.89 -5.74 -6.92
C GLN A 345 4.24 -6.24 -7.40
N LEU A 346 4.42 -6.37 -8.72
CA LEU A 346 5.74 -6.77 -9.23
C LEU A 346 6.76 -5.66 -9.02
N VAL A 347 6.35 -4.40 -9.16
CA VAL A 347 7.23 -3.29 -8.87
C VAL A 347 7.56 -3.24 -7.40
N ALA A 348 6.52 -3.33 -6.57
CA ALA A 348 6.68 -3.35 -5.13
C ALA A 348 7.67 -4.42 -4.68
N ARG A 349 7.39 -5.64 -5.09
CA ARG A 349 8.25 -6.75 -4.71
C ARG A 349 9.67 -6.60 -5.23
N LEU A 350 9.82 -5.99 -6.41
CA LEU A 350 11.14 -5.80 -6.98
C LEU A 350 11.97 -4.83 -6.15
N GLU A 351 11.38 -3.70 -5.80
CA GLU A 351 12.08 -2.71 -4.97
C GLU A 351 12.41 -3.29 -3.61
N GLY A 352 11.44 -3.97 -3.01
CA GLY A 352 11.61 -4.61 -1.71
C GLY A 352 12.70 -5.66 -1.71
N GLU A 353 12.64 -6.57 -2.67
CA GLU A 353 13.66 -7.61 -2.81
C GLU A 353 15.06 -7.04 -2.97
N VAL A 354 15.27 -6.15 -3.92
CA VAL A 354 16.66 -5.69 -4.17
C VAL A 354 17.17 -4.82 -3.04
N MET A 355 16.29 -4.14 -2.30
CA MET A 355 16.76 -3.40 -1.12
C MET A 355 17.17 -4.40 -0.03
N LEU A 356 16.36 -5.42 0.19
CA LEU A 356 16.68 -6.33 1.31
C LEU A 356 17.87 -7.21 0.91
N SER A 357 18.06 -7.42 -0.39
CA SER A 357 19.24 -8.12 -0.89
C SER A 357 20.51 -7.33 -0.53
N ALA A 358 20.49 -6.03 -0.83
CA ALA A 358 21.58 -5.11 -0.52
C ALA A 358 21.85 -5.12 0.98
N LEU A 359 20.81 -5.04 1.80
CA LEU A 359 21.02 -5.12 3.24
C LEU A 359 21.63 -6.45 3.64
N ALA A 360 21.06 -7.55 3.15
CA ALA A 360 21.57 -8.88 3.46
C ALA A 360 23.06 -9.07 3.16
N ARG A 361 23.56 -8.42 2.11
CA ARG A 361 24.94 -8.65 1.68
C ARG A 361 25.91 -7.65 2.31
N LYS A 362 25.41 -6.48 2.70
CA LYS A 362 26.30 -5.41 3.13
C LYS A 362 26.26 -5.01 4.59
N VAL A 363 25.22 -5.41 5.30
CA VAL A 363 24.98 -4.92 6.65
C VAL A 363 25.06 -6.07 7.65
N ALA A 364 25.80 -5.84 8.73
CA ALA A 364 25.92 -6.84 9.80
C ALA A 364 24.88 -6.65 10.89
N ALA A 365 24.55 -5.41 11.21
CA ALA A 365 23.55 -5.14 12.23
C ALA A 365 22.74 -3.86 11.93
N ILE A 366 21.52 -3.84 12.42
CA ILE A 366 20.65 -2.66 12.32
C ILE A 366 20.09 -2.40 13.71
N ASP A 367 20.60 -1.36 14.37
CA ASP A 367 20.19 -1.05 15.74
C ASP A 367 19.50 0.30 15.83
N ILE A 368 18.28 0.29 16.37
CA ILE A 368 17.56 1.52 16.61
C ILE A 368 18.39 2.32 17.59
N ASP A 369 18.64 3.59 17.31
CA ASP A 369 19.49 4.38 18.19
C ASP A 369 18.95 5.77 18.39
N GLY A 370 17.62 5.86 18.41
CA GLY A 370 16.95 7.12 18.62
C GLY A 370 15.47 6.90 18.69
N PRO A 371 14.72 7.96 19.04
CA PRO A 371 13.27 7.88 19.19
C PRO A 371 12.57 7.52 17.89
N VAL A 372 11.73 6.49 17.95
CA VAL A 372 10.94 6.13 16.79
C VAL A 372 9.68 6.99 16.78
N LYS A 373 9.37 7.60 15.65
CA LYS A 373 8.14 8.36 15.52
C LYS A 373 7.23 7.75 14.44
N ARG A 374 5.95 7.59 14.78
CA ARG A 374 4.99 7.06 13.87
C ARG A 374 4.41 8.17 13.02
N ARG A 375 3.96 7.82 11.82
CA ARG A 375 3.31 8.75 10.90
C ARG A 375 1.84 8.36 10.86
N PHE A 376 0.95 9.32 11.08
CA PHE A 376 -0.48 9.00 11.15
C PHE A 376 -1.14 9.33 9.82
N ASN A 377 -1.92 8.38 9.33
CA ASN A 377 -2.61 8.50 8.05
C ASN A 377 -3.84 7.60 8.14
N ASN A 378 -4.95 8.02 7.56
CA ASN A 378 -6.19 7.26 7.68
C ASN A 378 -6.16 5.87 7.09
N THR A 379 -5.25 5.65 6.14
CA THR A 379 -5.15 4.39 5.39
C THR A 379 -3.81 3.67 5.56
N LEU A 380 -2.73 4.44 5.62
CA LEU A 380 -1.38 3.87 5.61
C LEU A 380 -0.79 3.73 6.99
N ARG A 381 -0.09 2.63 7.23
CA ARG A 381 0.65 2.41 8.46
C ARG A 381 2.12 2.48 8.14
N GLY A 382 2.83 3.32 8.88
CA GLY A 382 4.26 3.39 8.73
C GLY A 382 4.84 4.44 9.65
N LEU A 383 6.15 4.60 9.61
CA LEU A 383 6.85 5.49 10.51
C LEU A 383 7.22 6.78 9.85
N GLU A 384 7.31 7.82 10.67
CA GLU A 384 7.82 9.12 10.29
C GLU A 384 9.33 9.12 10.36
N SER A 385 9.86 8.49 11.39
CA SER A 385 11.29 8.51 11.63
C SER A 385 11.77 7.23 12.32
N LEU A 386 12.85 6.64 11.81
CA LEU A 386 13.42 5.41 12.37
C LEU A 386 14.93 5.53 12.45
N PRO A 387 15.44 6.13 13.53
CA PRO A 387 16.89 6.29 13.60
C PRO A 387 17.57 4.96 13.88
N VAL A 388 18.52 4.62 13.02
CA VAL A 388 19.26 3.38 13.16
C VAL A 388 20.72 3.61 12.90
N LYS A 389 21.52 2.80 13.56
CA LYS A 389 22.92 2.66 13.24
C LYS A 389 23.04 1.40 12.40
N LEU A 390 23.63 1.54 11.21
CA LEU A 390 24.04 0.40 10.39
C LEU A 390 25.51 0.02 10.59
N THR A 391 25.74 -1.25 10.95
CA THR A 391 27.09 -1.82 11.01
C THR A 391 27.41 -2.61 9.75
N PRO A 392 28.51 -2.28 9.08
CA PRO A 392 28.88 -2.99 7.86
C PRO A 392 29.29 -4.41 8.12
N ALA A 393 29.00 -5.28 7.18
CA ALA A 393 29.47 -6.65 7.22
C ALA A 393 30.97 -6.68 7.00
#